data_8K4Z
#
_entry.id   8K4Z
#
_cell.length_a   75.799
_cell.length_b   75.799
_cell.length_c   60.530
_cell.angle_alpha   90.000
_cell.angle_beta   90.000
_cell.angle_gamma   90.000
#
_symmetry.space_group_name_H-M   'I 4'
#
loop_
_entity.id
_entity.type
_entity.pdbx_description
1 polymer Matrilysin
2 polymer Inhibitor
3 non-polymer 'CALCIUM ION'
4 non-polymer 'ZINC ION'
5 non-polymer 'IODIDE ION'
6 non-polymer 'CHLORIDE ION'
7 water water
#
loop_
_entity_poly.entity_id
_entity_poly.type
_entity_poly.pdbx_seq_one_letter_code
_entity_poly.pdbx_strand_id
1 'polypeptide(L)'
;MGYSLFPNSPKWTSKVVTYRIVSYTRDLPHITVDRLVSKALNMWGKEIPLHFRKVVWGTADIMIGFARGAHGDSYPFDGP
GNTLAHAFAPGTGLGGDAHFDEDERWTDGSSLGINFLYAATHQLGHSLGMGHSSDPNAVMYPTYGNGDPQNFKLSQDDIK
GIQKLYGKRSNSRKK
;
A
2 'polypeptide(L)' (7SF)(GGL)G(N9P)(TBG)(PAB) B
#
loop_
_chem_comp.id
_chem_comp.type
_chem_comp.name
_chem_comp.formula
7SF non-polymer '4-chloranyl-3-(trifluoromethyl)benzenesulfonic acid' 'C7 H4 Cl F3 O3 S'
CA non-polymer 'CALCIUM ION' 'Ca 2'
CL non-polymer 'CHLORIDE ION' 'Cl -1'
GGL L-gamma-peptide, C-delta linking 'GAMMA-L-GLUTAMIC ACID' 'C5 H9 N O4'
IOD non-polymer 'IODIDE ION' 'I -1'
PAB non-polymer '4-AMINOBENZOIC ACID' 'C7 H7 N O2'
ZN non-polymer 'ZINC ION' 'Zn 2'
#
# COMPACT_ATOMS: atom_id res chain seq x y z
N GLY A 2 -8.28 -7.74 16.63
CA GLY A 2 -7.91 -8.08 15.23
C GLY A 2 -7.80 -6.82 14.38
N TYR A 3 -8.42 -6.82 13.20
CA TYR A 3 -8.20 -5.76 12.18
C TYR A 3 -8.74 -4.41 12.68
N SER A 4 -8.22 -3.32 12.09
CA SER A 4 -8.80 -1.96 12.19
C SER A 4 -9.12 -1.45 10.78
N LEU A 5 -10.13 -0.60 10.67
CA LEU A 5 -10.34 0.27 9.50
C LEU A 5 -9.85 1.67 9.92
N PHE A 6 -10.28 2.72 9.24
CA PHE A 6 -10.03 4.11 9.68
C PHE A 6 -11.31 4.67 10.31
N PRO A 7 -11.17 5.68 11.20
CA PRO A 7 -12.34 6.38 11.75
C PRO A 7 -13.30 6.74 10.62
N ASN A 8 -14.53 6.24 10.70
CA ASN A 8 -15.64 6.56 9.76
C ASN A 8 -15.57 5.65 8.52
N SER A 9 -14.73 4.61 8.57
CA SER A 9 -14.66 3.55 7.54
C SER A 9 -14.59 4.13 6.14
N PRO A 10 -13.63 5.04 5.86
CA PRO A 10 -13.44 5.54 4.50
C PRO A 10 -13.18 4.36 3.56
N LYS A 11 -13.81 4.35 2.39
CA LYS A 11 -13.61 3.27 1.41
C LYS A 11 -13.74 3.86 0.01
N TRP A 12 -13.24 3.18 -1.00
CA TRP A 12 -13.52 3.57 -2.39
C TRP A 12 -15.02 3.33 -2.65
N THR A 13 -15.68 4.32 -3.23
CA THR A 13 -17.15 4.31 -3.50
C THR A 13 -17.41 3.86 -4.93
N SER A 14 -16.40 3.80 -5.79
CA SER A 14 -16.57 3.45 -7.22
C SER A 14 -16.18 1.99 -7.45
N LYS A 15 -16.89 1.31 -8.34
CA LYS A 15 -16.57 -0.08 -8.76
C LYS A 15 -15.10 -0.15 -9.16
N VAL A 16 -14.56 0.93 -9.74
CA VAL A 16 -13.19 0.94 -10.33
C VAL A 16 -12.37 2.03 -9.64
N VAL A 17 -11.17 1.68 -9.16
CA VAL A 17 -10.18 2.64 -8.60
C VAL A 17 -8.95 2.60 -9.50
N THR A 18 -8.48 3.78 -9.90
CA THR A 18 -7.26 3.92 -10.74
C THR A 18 -6.05 3.98 -9.80
N TYR A 19 -4.93 3.51 -10.30
CA TYR A 19 -3.64 3.59 -9.56
C TYR A 19 -2.54 3.86 -10.57
N ARG A 20 -1.56 4.68 -10.16
CA ARG A 20 -0.42 5.02 -11.03
C ARG A 20 0.86 4.78 -10.22
N ILE A 21 1.80 4.04 -10.78
CA ILE A 21 3.18 4.02 -10.20
C ILE A 21 3.89 5.22 -10.81
N VAL A 22 4.03 6.24 -9.98
CA VAL A 22 4.49 7.60 -10.41
C VAL A 22 6.03 7.65 -10.48
N SER A 23 6.72 7.06 -9.51
CA SER A 23 8.19 7.20 -9.32
C SER A 23 8.74 5.87 -8.79
N TYR A 24 10.01 5.60 -9.11
CA TYR A 24 10.63 4.26 -9.01
C TYR A 24 11.87 4.37 -8.14
N THR A 25 12.45 3.23 -7.81
CA THR A 25 13.69 3.13 -7.00
C THR A 25 14.83 2.63 -7.88
N ARG A 26 16.04 3.15 -7.63
CA ARG A 26 17.33 2.65 -8.15
C ARG A 26 17.51 1.17 -7.77
N ASP A 27 16.90 0.74 -6.67
CA ASP A 27 17.13 -0.62 -6.08
C ASP A 27 16.58 -1.71 -7.02
N LEU A 28 15.59 -1.43 -7.86
CA LEU A 28 14.88 -2.45 -8.65
C LEU A 28 14.62 -1.94 -10.06
N PRO A 29 14.47 -2.85 -11.04
CA PRO A 29 13.94 -2.49 -12.35
C PRO A 29 12.51 -1.92 -12.17
N HIS A 30 12.10 -1.06 -13.10
CA HIS A 30 10.77 -0.42 -13.11
C HIS A 30 9.69 -1.51 -13.19
N ILE A 31 9.84 -2.44 -14.13
CA ILE A 31 8.81 -3.47 -14.40
C ILE A 31 8.60 -4.33 -13.14
N THR A 32 9.65 -4.60 -12.37
CA THR A 32 9.56 -5.36 -11.10
C THR A 32 8.64 -4.63 -10.13
N VAL A 33 8.81 -3.32 -9.96
CA VAL A 33 7.92 -2.54 -9.06
C VAL A 33 6.49 -2.61 -9.60
N ASP A 34 6.29 -2.46 -10.91
CA ASP A 34 4.96 -2.57 -11.57
C ASP A 34 4.31 -3.92 -11.20
N ARG A 35 5.04 -5.03 -11.34
CA ARG A 35 4.44 -6.38 -11.21
C ARG A 35 4.16 -6.67 -9.73
N LEU A 36 5.03 -6.18 -8.84
CA LEU A 36 4.86 -6.40 -7.38
C LEU A 36 3.67 -5.56 -6.89
N VAL A 37 3.51 -4.34 -7.38
CA VAL A 37 2.35 -3.46 -7.02
C VAL A 37 1.07 -4.15 -7.50
N SER A 38 1.00 -4.62 -8.75
CA SER A 38 -0.17 -5.35 -9.31
C SER A 38 -0.49 -6.54 -8.41
N LYS A 39 0.54 -7.29 -8.02
CA LYS A 39 0.42 -8.48 -7.14
C LYS A 39 -0.13 -8.04 -5.76
N ALA A 40 0.45 -7.00 -5.16
CA ALA A 40 0.01 -6.48 -3.84
C ALA A 40 -1.48 -6.09 -3.92
N LEU A 41 -1.87 -5.41 -5.01
CA LEU A 41 -3.28 -4.96 -5.23
C LEU A 41 -4.20 -6.17 -5.42
N ASN A 42 -3.78 -7.15 -6.21
CA ASN A 42 -4.62 -8.35 -6.49
C ASN A 42 -4.81 -9.18 -5.21
N MET A 43 -3.81 -9.23 -4.31
CA MET A 43 -3.97 -9.97 -3.03
C MET A 43 -5.18 -9.44 -2.26
N TRP A 44 -5.36 -8.13 -2.20
CA TRP A 44 -6.57 -7.52 -1.59
C TRP A 44 -7.76 -7.61 -2.55
N GLY A 45 -7.53 -7.26 -3.80
CA GLY A 45 -8.55 -7.20 -4.86
C GLY A 45 -9.38 -8.47 -4.97
N LYS A 46 -8.75 -9.65 -4.91
CA LYS A 46 -9.42 -10.94 -5.24
C LYS A 46 -10.43 -11.29 -4.14
N GLU A 47 -10.40 -10.57 -3.02
CA GLU A 47 -11.26 -10.86 -1.86
C GLU A 47 -12.56 -10.04 -1.90
N ILE A 48 -12.61 -8.99 -2.74
CA ILE A 48 -13.66 -7.94 -2.61
C ILE A 48 -14.20 -7.52 -3.96
N PRO A 49 -15.42 -6.92 -4.00
CA PRO A 49 -15.99 -6.41 -5.25
C PRO A 49 -15.40 -5.03 -5.61
N LEU A 50 -14.10 -4.99 -5.89
CA LEU A 50 -13.37 -3.77 -6.27
C LEU A 50 -12.40 -4.15 -7.37
N HIS A 51 -12.26 -3.30 -8.38
CA HIS A 51 -11.41 -3.56 -9.57
C HIS A 51 -10.44 -2.39 -9.71
N PHE A 52 -9.18 -2.70 -10.03
CA PHE A 52 -8.09 -1.71 -10.18
C PHE A 52 -7.77 -1.55 -11.65
N ARG A 53 -7.70 -0.32 -12.12
CA ARG A 53 -7.22 -0.03 -13.50
C ARG A 53 -5.91 0.76 -13.38
N LYS A 54 -4.85 0.21 -13.97
CA LYS A 54 -3.49 0.80 -13.95
C LYS A 54 -3.50 1.98 -14.93
N VAL A 55 -3.04 3.15 -14.52
CA VAL A 55 -2.86 4.31 -15.45
C VAL A 55 -1.38 4.75 -15.41
N VAL A 56 -0.88 5.32 -16.50
CA VAL A 56 0.58 5.54 -16.68
C VAL A 56 0.92 7.04 -16.70
N TRP A 57 -0.08 7.91 -16.47
CA TRP A 57 0.09 9.39 -16.51
C TRP A 57 -0.99 10.05 -15.63
N GLY A 58 -0.80 11.32 -15.31
CA GLY A 58 -1.84 12.13 -14.64
C GLY A 58 -2.03 11.72 -13.20
N THR A 59 -3.17 12.12 -12.64
CA THR A 59 -3.55 11.80 -11.24
C THR A 59 -4.49 10.59 -11.33
N ALA A 60 -4.10 9.49 -10.72
CA ALA A 60 -4.97 8.33 -10.47
C ALA A 60 -5.47 8.47 -9.04
N ASP A 61 -6.47 7.66 -8.64
CA ASP A 61 -7.02 7.70 -7.27
C ASP A 61 -5.88 7.31 -6.30
N ILE A 62 -5.15 6.25 -6.65
CA ILE A 62 -4.01 5.72 -5.85
C ILE A 62 -2.72 6.09 -6.56
N MET A 63 -2.09 7.17 -6.08
CA MET A 63 -0.77 7.63 -6.57
C MET A 63 0.30 6.91 -5.72
N ILE A 64 1.10 6.09 -6.38
CA ILE A 64 2.14 5.23 -5.74
C ILE A 64 3.50 5.73 -6.20
N GLY A 65 4.44 5.93 -5.28
CA GLY A 65 5.79 6.31 -5.70
C GLY A 65 6.82 6.24 -4.61
N PHE A 66 8.08 6.29 -5.05
CA PHE A 66 9.28 6.47 -4.21
C PHE A 66 9.57 7.98 -4.14
N ALA A 67 9.93 8.44 -2.95
CA ALA A 67 10.36 9.84 -2.70
C ALA A 67 11.45 9.90 -1.64
N ARG A 68 12.36 10.86 -1.79
CA ARG A 68 13.32 11.28 -0.74
C ARG A 68 12.74 12.53 -0.08
N GLY A 69 12.77 12.60 1.25
CA GLY A 69 12.43 13.83 1.99
C GLY A 69 11.01 14.27 1.66
N ALA A 70 10.82 15.58 1.55
CA ALA A 70 9.49 16.22 1.40
C ALA A 70 8.98 16.01 -0.01
N HIS A 71 7.71 15.68 -0.20
CA HIS A 71 7.22 15.28 -1.54
C HIS A 71 5.77 15.70 -1.72
N GLY A 72 5.35 16.72 -0.96
CA GLY A 72 4.19 17.59 -1.24
C GLY A 72 2.95 17.23 -0.46
N ASP A 73 3.03 16.33 0.54
CA ASP A 73 1.83 15.83 1.25
C ASP A 73 1.87 16.14 2.74
N SER A 74 2.79 16.99 3.20
CA SER A 74 2.91 17.43 4.63
C SER A 74 3.43 16.31 5.54
N TYR A 75 3.84 15.17 5.01
CA TYR A 75 4.49 14.09 5.79
C TYR A 75 5.83 13.78 5.16
N PRO A 76 6.84 14.68 5.26
CA PRO A 76 8.14 14.45 4.62
C PRO A 76 8.78 13.17 5.15
N PHE A 77 9.41 12.45 4.25
CA PHE A 77 10.36 11.37 4.62
C PHE A 77 11.56 12.01 5.34
N ASP A 78 12.39 11.15 5.93
CA ASP A 78 13.29 11.52 7.03
C ASP A 78 14.68 10.90 6.85
N GLY A 79 15.05 10.53 5.62
CA GLY A 79 16.34 9.91 5.28
C GLY A 79 16.39 8.45 5.74
N PRO A 80 17.59 7.84 5.77
CA PRO A 80 17.72 6.43 6.12
C PRO A 80 17.12 6.11 7.49
N GLY A 81 16.37 5.00 7.53
CA GLY A 81 15.77 4.51 8.79
C GLY A 81 14.57 5.33 9.21
N ASN A 82 14.23 5.26 10.49
CA ASN A 82 12.94 5.77 11.02
C ASN A 82 11.80 5.37 10.06
N THR A 83 11.00 6.32 9.55
CA THR A 83 9.82 6.01 8.70
C THR A 83 10.30 5.39 7.38
N LEU A 84 9.67 4.28 6.98
CA LEU A 84 10.04 3.55 5.74
C LEU A 84 9.10 3.91 4.58
N ALA A 85 7.87 4.25 4.91
CA ALA A 85 6.73 4.33 3.97
C ALA A 85 5.50 4.78 4.74
N HIS A 86 4.50 5.23 3.98
CA HIS A 86 3.19 5.62 4.55
C HIS A 86 2.17 5.69 3.43
N ALA A 87 0.91 5.71 3.82
CA ALA A 87 -0.21 5.74 2.87
C ALA A 87 -1.41 6.41 3.52
N PHE A 88 -2.34 6.83 2.67
CA PHE A 88 -3.56 7.56 3.07
C PHE A 88 -4.77 6.67 2.83
N ALA A 89 -5.68 6.69 3.81
CA ALA A 89 -7.04 6.11 3.71
C ALA A 89 -7.73 6.63 2.45
N PRO A 90 -8.70 5.85 1.92
CA PRO A 90 -9.47 6.24 0.72
C PRO A 90 -10.10 7.63 0.86
N GLY A 91 -10.04 8.39 -0.21
CA GLY A 91 -10.51 9.79 -0.24
C GLY A 91 -10.02 10.44 -1.50
N THR A 92 -10.49 11.66 -1.77
CA THR A 92 -10.00 12.46 -2.91
C THR A 92 -8.60 12.97 -2.57
N GLY A 93 -7.88 13.48 -3.57
CA GLY A 93 -6.58 14.14 -3.35
C GLY A 93 -5.55 13.15 -2.84
N LEU A 94 -4.95 13.43 -1.69
CA LEU A 94 -3.90 12.52 -1.15
C LEU A 94 -4.56 11.22 -0.68
N GLY A 95 -5.87 11.20 -0.43
CA GLY A 95 -6.56 9.94 -0.15
C GLY A 95 -6.10 8.84 -1.09
N GLY A 96 -5.74 7.68 -0.53
CA GLY A 96 -5.38 6.48 -1.28
C GLY A 96 -3.91 6.37 -1.62
N ASP A 97 -3.16 7.46 -1.50
CA ASP A 97 -1.77 7.56 -2.04
C ASP A 97 -0.84 6.75 -1.14
N ALA A 98 0.18 6.14 -1.73
CA ALA A 98 1.13 5.23 -1.04
C ALA A 98 2.56 5.60 -1.44
N HIS A 99 3.35 6.00 -0.45
CA HIS A 99 4.72 6.51 -0.70
C HIS A 99 5.72 5.63 0.02
N PHE A 100 6.86 5.45 -0.62
CA PHE A 100 8.01 4.65 -0.12
C PHE A 100 9.24 5.55 -0.05
N ASP A 101 9.95 5.51 1.09
CA ASP A 101 11.16 6.33 1.33
C ASP A 101 12.30 5.78 0.48
N GLU A 102 12.76 6.57 -0.49
CA GLU A 102 13.87 6.22 -1.42
C GLU A 102 15.19 5.98 -0.66
N ASP A 103 15.31 6.48 0.58
CA ASP A 103 16.56 6.40 1.36
C ASP A 103 16.62 5.15 2.24
N GLU A 104 15.73 4.17 2.01
CA GLU A 104 15.91 2.79 2.55
C GLU A 104 16.44 1.91 1.41
N ARG A 105 16.57 0.62 1.66
CA ARG A 105 16.88 -0.36 0.58
C ARG A 105 15.71 -1.33 0.43
N TRP A 106 15.27 -1.50 -0.82
CA TRP A 106 14.05 -2.25 -1.22
C TRP A 106 14.51 -3.44 -2.04
N THR A 107 13.92 -4.62 -1.79
CA THR A 107 14.23 -5.83 -2.58
C THR A 107 12.96 -6.51 -3.09
N ASP A 108 13.07 -7.19 -4.22
CA ASP A 108 12.05 -8.13 -4.75
C ASP A 108 12.15 -9.48 -4.03
N GLY A 109 13.07 -9.64 -3.08
CA GLY A 109 13.35 -10.91 -2.37
C GLY A 109 14.66 -11.58 -2.78
N SER A 110 15.30 -11.10 -3.85
CA SER A 110 16.52 -11.70 -4.45
C SER A 110 17.80 -10.99 -3.95
N SER A 111 17.68 -10.10 -2.99
CA SER A 111 18.81 -9.26 -2.54
C SER A 111 18.53 -8.83 -1.11
N LEU A 112 19.34 -7.93 -0.60
CA LEU A 112 19.21 -7.34 0.74
C LEU A 112 18.14 -6.25 0.62
N GLY A 113 17.28 -6.10 1.62
CA GLY A 113 16.38 -4.94 1.64
C GLY A 113 15.07 -5.26 2.31
N ILE A 114 14.28 -4.23 2.58
CA ILE A 114 12.84 -4.37 2.94
C ILE A 114 12.17 -5.08 1.77
N ASN A 115 11.42 -6.16 2.04
CA ASN A 115 10.68 -6.89 0.99
C ASN A 115 9.60 -5.96 0.44
N PHE A 116 9.70 -5.56 -0.82
CA PHE A 116 8.82 -4.53 -1.40
C PHE A 116 7.38 -5.08 -1.51
N LEU A 117 7.22 -6.36 -1.88
CA LEU A 117 5.87 -6.95 -2.03
C LEU A 117 5.13 -6.88 -0.69
N TYR A 118 5.75 -7.24 0.42
CA TYR A 118 5.13 -7.16 1.78
C TYR A 118 4.86 -5.70 2.11
N ALA A 119 5.84 -4.81 1.93
CA ALA A 119 5.69 -3.37 2.23
C ALA A 119 4.51 -2.78 1.43
N ALA A 120 4.46 -3.04 0.11
CA ALA A 120 3.40 -2.55 -0.80
C ALA A 120 2.04 -3.13 -0.39
N THR A 121 2.00 -4.40 0.04
CA THR A 121 0.75 -5.04 0.48
C THR A 121 0.27 -4.30 1.74
N HIS A 122 1.20 -3.97 2.65
CA HIS A 122 0.83 -3.25 3.90
C HIS A 122 0.32 -1.83 3.58
N GLN A 123 1.08 -1.06 2.81
CA GLN A 123 0.72 0.36 2.47
C GLN A 123 -0.58 0.39 1.66
N LEU A 124 -0.71 -0.50 0.69
CA LEU A 124 -1.93 -0.50 -0.16
C LEU A 124 -3.13 -1.01 0.65
N GLY A 125 -2.92 -1.82 1.69
CA GLY A 125 -3.94 -2.09 2.70
C GLY A 125 -4.48 -0.76 3.20
N HIS A 126 -3.58 0.13 3.62
CA HIS A 126 -3.95 1.49 4.08
C HIS A 126 -4.72 2.20 2.96
N SER A 127 -4.21 2.12 1.72
CA SER A 127 -4.80 2.77 0.52
C SER A 127 -6.25 2.34 0.32
N LEU A 128 -6.59 1.10 0.69
CA LEU A 128 -7.95 0.52 0.55
C LEU A 128 -8.80 0.73 1.80
N GLY A 129 -8.25 1.21 2.92
CA GLY A 129 -9.04 1.55 4.12
C GLY A 129 -8.76 0.65 5.31
N MET A 130 -7.68 -0.15 5.27
CA MET A 130 -7.25 -0.95 6.44
C MET A 130 -6.39 -0.11 7.38
N GLY A 131 -6.73 -0.12 8.65
CA GLY A 131 -5.87 0.35 9.76
C GLY A 131 -4.91 -0.75 10.21
N HIS A 132 -4.34 -0.61 11.39
CA HIS A 132 -3.37 -1.58 11.94
C HIS A 132 -4.12 -2.67 12.70
N SER A 133 -3.71 -3.90 12.48
CA SER A 133 -4.21 -5.09 13.19
C SER A 133 -3.46 -5.26 14.50
N SER A 134 -4.14 -5.83 15.51
CA SER A 134 -3.53 -6.28 16.78
C SER A 134 -2.98 -7.71 16.62
N ASP A 135 -3.23 -8.36 15.47
CA ASP A 135 -2.84 -9.77 15.20
C ASP A 135 -1.47 -9.81 14.53
N PRO A 136 -0.42 -10.32 15.23
CA PRO A 136 0.93 -10.42 14.66
C PRO A 136 1.05 -11.13 13.30
N ASN A 137 0.10 -11.97 12.92
CA ASN A 137 0.16 -12.72 11.63
C ASN A 137 -0.28 -11.79 10.48
N ALA A 138 -0.98 -10.72 10.80
CA ALA A 138 -1.66 -9.86 9.82
C ALA A 138 -0.61 -9.01 9.10
N VAL A 139 -0.73 -8.89 7.79
CA VAL A 139 0.10 -7.96 7.01
C VAL A 139 -0.07 -6.54 7.56
N MET A 140 -1.24 -6.22 8.09
CA MET A 140 -1.56 -4.86 8.60
C MET A 140 -1.12 -4.72 10.07
N TYR A 141 -0.40 -5.69 10.61
CA TYR A 141 0.29 -5.53 11.92
C TYR A 141 1.22 -4.32 11.79
N PRO A 142 1.38 -3.46 12.83
CA PRO A 142 2.05 -2.18 12.65
C PRO A 142 3.55 -2.26 12.36
N THR A 143 4.23 -3.36 12.69
CA THR A 143 5.70 -3.46 12.52
C THR A 143 6.00 -4.42 11.38
N TYR A 144 7.12 -4.21 10.69
CA TYR A 144 7.52 -5.01 9.50
C TYR A 144 7.84 -6.45 9.90
N PRO A 149 8.09 -12.10 5.78
CA PRO A 149 7.86 -11.16 4.68
C PRO A 149 8.32 -11.72 3.33
N GLN A 150 9.23 -12.70 3.37
CA GLN A 150 9.91 -13.32 2.20
C GLN A 150 8.94 -14.29 1.51
N ASN A 151 8.04 -14.90 2.30
CA ASN A 151 7.08 -15.94 1.85
C ASN A 151 5.81 -15.78 2.69
N PHE A 152 4.78 -15.11 2.12
CA PHE A 152 3.58 -14.67 2.86
C PHE A 152 2.34 -14.59 1.95
N LYS A 153 1.19 -14.47 2.61
CA LYS A 153 -0.11 -14.16 1.96
C LYS A 153 -0.94 -13.37 2.97
N LEU A 154 -2.11 -12.86 2.57
CA LEU A 154 -2.99 -12.16 3.52
C LEU A 154 -3.35 -13.15 4.62
N SER A 155 -3.43 -12.69 5.87
CA SER A 155 -3.90 -13.51 7.01
C SER A 155 -5.42 -13.54 7.02
N GLN A 156 -6.01 -14.40 7.85
CA GLN A 156 -7.48 -14.53 7.89
C GLN A 156 -8.05 -13.23 8.45
N ASP A 157 -7.30 -12.55 9.34
CA ASP A 157 -7.66 -11.23 9.90
C ASP A 157 -7.70 -10.16 8.79
N ASP A 158 -6.66 -10.12 7.96
CA ASP A 158 -6.59 -9.18 6.80
C ASP A 158 -7.84 -9.39 5.91
N ILE A 159 -8.14 -10.63 5.55
CA ILE A 159 -9.28 -11.00 4.65
C ILE A 159 -10.59 -10.61 5.33
N LYS A 160 -10.72 -10.94 6.61
CA LYS A 160 -11.91 -10.57 7.41
C LYS A 160 -12.14 -9.06 7.33
N GLY A 161 -11.10 -8.27 7.62
CA GLY A 161 -11.20 -6.79 7.66
C GLY A 161 -11.61 -6.21 6.32
N ILE A 162 -10.95 -6.61 5.23
CA ILE A 162 -11.20 -5.99 3.90
C ILE A 162 -12.62 -6.35 3.43
N GLN A 163 -13.04 -7.60 3.65
CA GLN A 163 -14.39 -8.10 3.31
C GLN A 163 -15.44 -7.43 4.20
N LYS A 164 -15.13 -7.09 5.45
CA LYS A 164 -16.08 -6.32 6.29
C LYS A 164 -16.29 -4.93 5.67
N LEU A 165 -15.25 -4.33 5.09
CA LEU A 165 -15.32 -2.96 4.52
C LEU A 165 -15.97 -3.01 3.13
N TYR A 166 -15.68 -3.99 2.28
CA TYR A 166 -16.17 -3.99 0.86
C TYR A 166 -17.22 -5.06 0.55
N GLY A 167 -17.41 -6.04 1.44
CA GLY A 167 -18.13 -7.30 1.14
C GLY A 167 -17.24 -8.31 0.44
N LYS A 168 -17.72 -9.55 0.24
CA LYS A 168 -16.94 -10.65 -0.37
C LYS A 168 -17.08 -10.65 -1.88
N ARG A 169 -16.07 -11.19 -2.57
CA ARG A 169 -16.14 -11.71 -3.96
C ARG A 169 -15.72 -10.61 -4.93
C37 7SF B 1 5.95 1.13 8.50
S34 7SF B 1 6.29 2.64 8.98
C43 7SF B 1 6.33 0.68 7.24
C42 7SF B 1 6.06 -0.62 6.80
C44 7SF B 1 6.49 -1.04 5.44
F47 7SF B 1 7.23 -2.13 5.45
F46 7SF B 1 5.42 -1.29 4.73
F45 7SF B 1 7.19 -0.10 4.84
C40 7SF B 1 5.37 -1.48 7.63
CL1 7SF B 1 4.98 -3.18 7.12
C39 7SF B 1 4.97 -1.06 8.92
C38 7SF B 1 5.27 0.24 9.35
O35 7SF B 1 7.51 3.02 8.41
O1 7SF B 1 6.23 2.71 10.46
N GGL B 2 5.18 3.66 8.41
CA GGL B 2 3.86 3.75 9.05
C GGL B 2 2.90 2.69 8.54
O GGL B 2 2.04 2.29 9.35
CB GGL B 2 3.32 5.13 8.73
CG GGL B 2 1.88 5.38 9.26
CD GGL B 2 0.79 5.28 8.19
OE1 GGL B 2 1.00 5.34 6.97
OXT GGL B 2 2.97 2.21 7.36
N GLY B 3 -0.44 5.10 8.68
CA GLY B 3 -1.66 5.06 7.85
C GLY B 3 -2.27 6.39 8.14
N N9P B 4 -2.38 7.30 7.20
CA N9P B 4 -2.92 8.62 7.50
C N9P B 4 -4.22 8.94 6.79
O N9P B 4 -4.66 8.21 5.91
CB N9P B 4 -1.88 9.69 7.07
CG N9P B 4 -0.50 9.51 7.67
CD1 N9P B 4 -0.32 9.37 9.05
CD2 N9P B 4 0.65 9.47 6.86
CE1 N9P B 4 0.98 9.22 9.59
CE2 N9P B 4 1.91 9.30 7.44
NZ N9P B 4 2.04 9.18 8.78
N TBG B 5 -4.81 10.07 7.22
CA TBG B 5 -6.06 10.56 6.62
CB TBG B 5 -7.19 10.69 7.67
CG1 TBG B 5 -8.45 11.15 6.93
CG2 TBG B 5 -6.83 11.63 8.83
CG3 TBG B 5 -7.47 9.29 8.23
C TBG B 5 -5.73 11.85 5.90
O TBG B 5 -5.14 12.69 6.50
C1' PAB B 6 -5.51 16.15 0.85
O1' PAB B 6 -5.08 17.25 1.18
O2' PAB B 6 -5.85 15.92 -0.32
C1 PAB B 6 -5.62 15.09 1.90
C2 PAB B 6 -5.03 15.25 3.17
C3 PAB B 6 -5.18 14.23 4.12
C4 PAB B 6 -5.91 13.04 3.80
C5 PAB B 6 -6.46 12.92 2.52
C6 PAB B 6 -6.31 13.92 1.58
N4 PAB B 6 -6.10 11.96 4.61
CA CA C . -5.37 9.90 -4.28
CA CA D . 13.26 6.93 6.30
ZN ZN E . 4.01 10.89 1.43
ZN ZN F . 0.86 0.83 8.56
I IOD G . 5.68 18.75 2.14
CL CL H . -3.91 -16.52 9.74
#